data_8WLK
#
_entry.id   8WLK
#
_cell.length_a   1.00
_cell.length_b   1.00
_cell.length_c   1.00
_cell.angle_alpha   90.00
_cell.angle_beta   90.00
_cell.angle_gamma   90.00
#
_symmetry.space_group_name_H-M   'P 1'
#
loop_
_entity.id
_entity.type
_entity.pdbx_description
1 polymer 'Synaptic vesicular amine transporter'
2 non-polymer (3S,5R,11bS)-9,10-dimethoxy-3-(2-methylpropyl)-1,3,4,6,7,11b-hexahydro-2H-pyrido[2,1-a]isoquinolin-2-one
#
_entity_poly.entity_id   1
_entity_poly.type   'polypeptide(L)'
_entity_poly.pdbx_seq_one_letter_code
;MALSELALVRWLQESRRSRKLILFIVFLALLLDNMLLTVVVPIIPSYLYSIKHEKNATEIQTARPVHTASISDSFQSIFS
YYDNSTMVTGNATRDLTLHQTATQHMVTNASAVPSDCPSEDKDLLNENVQVGLLFASKATVQLITNPFIGLLTNRIGYPI
PIFAGFCIMFVSTIMFAFSSSYAFLLIARSLQGIGSSCSSVAGMGMLASVYTDDEERGNVMGIALGGLAMGVLVGPPFGS
VLYEFVGKTAPFLVLAALVLLDGAIQLFVLQPSRVQPESQKGTPLTTLLKDPYILIAAGSICFANMGIAMLEPALPIWMM
ETMCSRKWQLGVAFLPASISYLIGTNIFGILAHKMGRWLCALLGMIIVGVSILCIPFAKNIYGLIAPNFGVGFAIGMVDS
SMMPIMGYLVDLRHVSVYGSVYAIADVAFCMGYAIGPSAGGAIAKAIGFPWLMTIIGIIDILFAPLCFFLRSPPSRLEEE
LRRRTEGGSSDLEVLFQ
;
_entity_poly.pdbx_strand_id   A
#
# COMPACT_ATOMS: atom_id res chain seq x y z
N SER A 18 -24.74 -1.08 9.51
CA SER A 18 -24.28 -2.45 9.68
C SER A 18 -22.79 -2.57 9.35
N ARG A 19 -22.27 -3.80 9.42
CA ARG A 19 -20.84 -4.02 9.20
C ARG A 19 -20.44 -3.63 7.78
N LYS A 20 -21.29 -3.91 6.81
CA LYS A 20 -20.99 -3.56 5.42
C LYS A 20 -20.78 -2.07 5.25
N LEU A 21 -21.39 -1.26 6.11
CA LEU A 21 -21.19 0.18 6.03
C LEU A 21 -19.78 0.55 6.44
N ILE A 22 -19.26 -0.06 7.51
CA ILE A 22 -17.85 0.14 7.88
C ILE A 22 -16.93 -0.37 6.78
N LEU A 23 -17.30 -1.51 6.17
CA LEU A 23 -16.51 -2.01 5.05
C LEU A 23 -16.45 -1.00 3.92
N PHE A 24 -17.58 -0.36 3.60
CA PHE A 24 -17.60 0.66 2.56
C PHE A 24 -16.77 1.88 2.95
N ILE A 25 -16.83 2.27 4.23
CA ILE A 25 -16.00 3.39 4.68
C ILE A 25 -14.53 3.10 4.45
N VAL A 26 -14.07 1.92 4.87
CA VAL A 26 -12.66 1.57 4.69
C VAL A 26 -12.32 1.46 3.21
N PHE A 27 -13.21 0.85 2.42
CA PHE A 27 -13.02 0.71 0.98
C PHE A 27 -12.78 2.06 0.32
N LEU A 28 -13.69 3.01 0.55
CA LEU A 28 -13.58 4.28 -0.15
C LEU A 28 -12.46 5.14 0.45
N ALA A 29 -12.16 4.96 1.74
CA ALA A 29 -11.03 5.68 2.33
C ALA A 29 -9.72 5.27 1.67
N LEU A 30 -9.47 3.97 1.57
CA LEU A 30 -8.26 3.52 0.89
C LEU A 30 -8.30 3.85 -0.60
N LEU A 31 -9.49 3.83 -1.21
CA LEU A 31 -9.62 4.22 -2.61
C LEU A 31 -9.13 5.65 -2.84
N LEU A 32 -9.65 6.58 -2.04
CA LEU A 32 -9.25 7.98 -2.18
C LEU A 32 -7.79 8.18 -1.80
N ASP A 33 -7.32 7.42 -0.79
CA ASP A 33 -5.94 7.51 -0.36
C ASP A 33 -5.00 7.16 -1.51
N ASN A 34 -5.22 6.01 -2.14
CA ASN A 34 -4.32 5.59 -3.21
C ASN A 34 -4.55 6.39 -4.49
N MET A 35 -5.77 6.91 -4.68
CA MET A 35 -6.01 7.82 -5.79
C MET A 35 -5.16 9.07 -5.66
N LEU A 36 -5.15 9.66 -4.46
CA LEU A 36 -4.33 10.84 -4.24
C LEU A 36 -2.84 10.50 -4.27
N LEU A 37 -2.47 9.29 -3.84
CA LEU A 37 -1.08 8.88 -3.90
C LEU A 37 -0.58 8.74 -5.33
N THR A 38 -1.44 8.24 -6.22
CA THR A 38 -0.99 7.82 -7.55
C THR A 38 -1.33 8.83 -8.63
N VAL A 39 -2.24 9.77 -8.38
CA VAL A 39 -2.60 10.80 -9.36
C VAL A 39 -1.41 11.71 -9.66
N VAL A 40 -0.38 11.67 -8.83
CA VAL A 40 0.78 12.54 -9.00
C VAL A 40 1.57 12.20 -10.26
N VAL A 41 1.40 10.97 -10.78
CA VAL A 41 2.32 10.47 -11.81
C VAL A 41 2.33 11.32 -13.07
N PRO A 42 1.18 11.75 -13.63
CA PRO A 42 1.26 12.71 -14.76
C PRO A 42 1.88 14.04 -14.39
N ILE A 43 1.98 14.38 -13.11
CA ILE A 43 2.52 15.67 -12.70
C ILE A 43 4.02 15.63 -12.39
N ILE A 44 4.56 14.46 -12.01
CA ILE A 44 5.99 14.37 -11.69
C ILE A 44 6.88 14.82 -12.85
N PRO A 45 6.58 14.51 -14.11
CA PRO A 45 7.36 15.10 -15.21
C PRO A 45 7.45 16.61 -15.19
N SER A 46 6.43 17.31 -14.66
CA SER A 46 6.46 18.77 -14.66
C SER A 46 7.55 19.32 -13.75
N TYR A 47 8.00 18.55 -12.77
CA TYR A 47 9.06 18.97 -11.86
C TYR A 47 10.34 18.21 -12.20
N LEU A 48 11.46 18.94 -12.27
CA LEU A 48 12.73 18.33 -12.61
C LEU A 48 13.87 19.05 -11.87
N ASP A 123 19.88 -0.91 -18.76
CA ASP A 123 19.64 0.17 -19.71
C ASP A 123 18.16 0.55 -19.70
N LEU A 124 17.30 -0.47 -19.65
CA LEU A 124 15.86 -0.22 -19.62
C LEU A 124 15.44 0.50 -18.34
N LEU A 125 15.98 0.09 -17.20
CA LEU A 125 15.61 0.65 -15.91
C LEU A 125 16.71 1.59 -15.43
N ASN A 126 16.32 2.79 -15.01
CA ASN A 126 17.26 3.77 -14.49
C ASN A 126 16.60 4.52 -13.33
N GLU A 127 17.43 4.94 -12.38
CA GLU A 127 16.95 5.63 -11.20
C GLU A 127 17.17 7.13 -11.34
N ASN A 128 16.27 7.90 -10.73
CA ASN A 128 16.40 9.35 -10.63
C ASN A 128 16.43 9.74 -9.16
N VAL A 129 17.45 10.51 -8.77
CA VAL A 129 17.56 10.93 -7.38
C VAL A 129 16.44 11.89 -7.01
N GLN A 130 15.93 12.66 -7.98
CA GLN A 130 14.85 13.59 -7.68
C GLN A 130 13.55 12.84 -7.37
N VAL A 131 13.24 11.80 -8.14
CA VAL A 131 12.03 11.04 -7.86
C VAL A 131 12.24 10.09 -6.69
N GLY A 132 13.48 9.77 -6.35
CA GLY A 132 13.73 8.89 -5.22
C GLY A 132 13.28 9.49 -3.90
N LEU A 133 13.60 10.76 -3.67
CA LEU A 133 13.11 11.45 -2.49
C LEU A 133 11.60 11.64 -2.54
N LEU A 134 11.06 11.88 -3.74
CA LEU A 134 9.62 12.01 -3.90
C LEU A 134 8.92 10.69 -3.62
N PHE A 135 9.53 9.58 -4.04
CA PHE A 135 8.95 8.26 -3.81
C PHE A 135 9.11 7.78 -2.38
N ALA A 136 10.07 8.33 -1.64
CA ALA A 136 10.42 7.80 -0.33
C ALA A 136 10.07 8.71 0.84
N SER A 137 9.81 9.99 0.62
CA SER A 137 9.49 10.89 1.73
C SER A 137 8.16 10.50 2.35
N LYS A 138 7.14 10.31 1.51
CA LYS A 138 5.84 9.86 1.99
C LYS A 138 5.96 8.51 2.71
N ALA A 139 6.72 7.59 2.09
CA ALA A 139 6.85 6.26 2.67
C ALA A 139 7.54 6.30 4.02
N THR A 140 8.60 7.09 4.15
CA THR A 140 9.34 7.17 5.41
C THR A 140 8.51 7.85 6.49
N VAL A 141 7.81 8.93 6.14
CA VAL A 141 6.98 9.62 7.13
C VAL A 141 5.87 8.70 7.61
N GLN A 142 5.23 7.98 6.69
CA GLN A 142 4.15 7.07 7.06
C GLN A 142 4.70 5.90 7.88
N LEU A 143 5.89 5.43 7.52
CA LEU A 143 6.61 4.39 8.25
C LEU A 143 6.79 4.78 9.71
N ILE A 144 7.32 5.98 9.94
CA ILE A 144 7.54 6.46 11.29
C ILE A 144 6.21 6.67 12.01
N THR A 145 5.19 7.12 11.28
CA THR A 145 3.95 7.58 11.88
C THR A 145 3.01 6.43 12.25
N ASN A 146 3.22 5.24 11.68
CA ASN A 146 2.37 4.07 11.94
C ASN A 146 2.19 3.66 13.41
N PRO A 147 3.25 3.32 14.15
CA PRO A 147 3.03 2.70 15.47
C PRO A 147 2.44 3.66 16.49
N PHE A 148 2.76 4.95 16.38
CA PHE A 148 2.12 5.93 17.25
C PHE A 148 0.61 5.96 17.02
N ILE A 149 0.18 5.87 15.77
CA ILE A 149 -1.25 5.83 15.48
C ILE A 149 -1.86 4.52 15.97
N GLY A 150 -1.12 3.42 15.89
CA GLY A 150 -1.63 2.17 16.44
C GLY A 150 -1.90 2.27 17.94
N LEU A 151 -0.93 2.83 18.68
CA LEU A 151 -1.13 3.05 20.11
C LEU A 151 -2.26 4.04 20.36
N LEU A 152 -2.39 5.05 19.51
CA LEU A 152 -3.42 6.06 19.68
C LEU A 152 -4.81 5.46 19.49
N THR A 153 -4.97 4.60 18.48
CA THR A 153 -6.24 3.89 18.31
C THR A 153 -6.49 2.97 19.50
N ASN A 154 -5.44 2.36 20.03
CA ASN A 154 -5.59 1.58 21.26
C ASN A 154 -6.06 2.44 22.42
N ARG A 155 -5.70 3.73 22.42
CA ARG A 155 -5.99 4.59 23.56
C ARG A 155 -7.41 5.13 23.51
N ILE A 156 -7.76 5.86 22.46
CA ILE A 156 -8.99 6.63 22.45
C ILE A 156 -10.07 6.06 21.54
N GLY A 157 -9.74 5.24 20.55
CA GLY A 157 -10.72 4.66 19.67
C GLY A 157 -10.32 4.76 18.21
N TYR A 158 -11.13 4.12 17.38
CA TYR A 158 -10.92 4.06 15.94
C TYR A 158 -11.42 5.26 15.12
N PRO A 159 -12.66 5.74 15.30
CA PRO A 159 -13.17 6.77 14.37
C PRO A 159 -12.40 8.08 14.39
N ILE A 160 -11.90 8.50 15.55
CA ILE A 160 -11.21 9.80 15.63
C ILE A 160 -9.93 9.82 14.80
N PRO A 161 -9.06 8.80 14.80
CA PRO A 161 -7.96 8.79 13.83
C PRO A 161 -8.40 8.80 12.38
N ILE A 162 -9.54 8.17 12.05
CA ILE A 162 -10.02 8.21 10.67
C ILE A 162 -10.43 9.64 10.29
N PHE A 163 -11.11 10.34 11.19
CA PHE A 163 -11.45 11.73 10.92
C PHE A 163 -10.21 12.61 10.87
N ALA A 164 -9.19 12.28 11.66
CA ALA A 164 -7.92 12.99 11.54
C ALA A 164 -7.29 12.75 10.17
N GLY A 165 -7.43 11.52 9.66
CA GLY A 165 -6.97 11.24 8.31
C GLY A 165 -7.70 12.04 7.27
N PHE A 166 -9.03 12.18 7.43
CA PHE A 166 -9.78 13.13 6.63
C PHE A 166 -9.20 14.53 6.66
N CYS A 167 -9.00 15.07 7.86
CA CYS A 167 -8.58 16.45 7.99
C CYS A 167 -7.22 16.67 7.33
N ILE A 168 -6.28 15.77 7.60
CA ILE A 168 -4.93 15.98 7.07
C ILE A 168 -4.86 15.63 5.58
N MET A 169 -5.68 14.70 5.08
CA MET A 169 -5.70 14.46 3.64
C MET A 169 -6.30 15.63 2.89
N PHE A 170 -7.36 16.24 3.44
CA PHE A 170 -7.92 17.43 2.81
C PHE A 170 -6.92 18.58 2.81
N VAL A 171 -6.23 18.82 3.94
CA VAL A 171 -5.28 19.92 3.95
C VAL A 171 -4.09 19.59 3.04
N SER A 172 -3.76 18.30 2.88
CA SER A 172 -2.72 17.90 1.95
C SER A 172 -3.12 18.23 0.51
N THR A 173 -4.36 17.91 0.14
CA THR A 173 -4.84 18.27 -1.19
C THR A 173 -4.83 19.78 -1.41
N ILE A 174 -5.24 20.53 -0.38
CA ILE A 174 -5.30 22.00 -0.50
C ILE A 174 -3.91 22.57 -0.71
N MET A 175 -2.94 22.12 0.09
CA MET A 175 -1.58 22.63 -0.08
C MET A 175 -0.85 21.96 -1.24
N PHE A 176 -1.44 20.93 -1.84
CA PHE A 176 -0.80 20.18 -2.89
C PHE A 176 -1.19 20.70 -4.27
N ALA A 177 -2.44 21.12 -4.44
CA ALA A 177 -2.87 21.70 -5.71
C ALA A 177 -2.10 22.96 -6.03
N PHE A 178 -1.80 23.78 -5.01
CA PHE A 178 -1.04 25.00 -5.19
C PHE A 178 0.46 24.81 -5.01
N SER A 179 0.92 23.56 -4.88
CA SER A 179 2.34 23.31 -4.62
C SER A 179 3.18 23.53 -5.87
N SER A 180 3.62 24.77 -6.09
CA SER A 180 4.45 25.06 -7.25
C SER A 180 5.87 24.53 -7.08
N SER A 181 6.43 24.66 -5.88
CA SER A 181 7.81 24.28 -5.63
C SER A 181 7.91 22.79 -5.28
N TYR A 182 9.12 22.26 -5.43
CA TYR A 182 9.36 20.85 -5.11
C TYR A 182 9.31 20.61 -3.60
N ALA A 183 9.81 21.56 -2.81
CA ALA A 183 9.77 21.42 -1.36
C ALA A 183 8.33 21.38 -0.86
N PHE A 184 7.46 22.24 -1.40
CA PHE A 184 6.04 22.19 -1.05
C PHE A 184 5.45 20.85 -1.44
N LEU A 185 5.85 20.31 -2.58
CA LEU A 185 5.38 18.99 -3.01
C LEU A 185 5.78 17.92 -2.01
N LEU A 186 7.03 17.94 -1.55
CA LEU A 186 7.50 16.95 -0.59
C LEU A 186 6.77 17.08 0.74
N ILE A 187 6.55 18.32 1.21
CA ILE A 187 5.86 18.51 2.48
C ILE A 187 4.41 18.03 2.38
N ALA A 188 3.75 18.32 1.27
CA ALA A 188 2.40 17.84 1.07
C ALA A 188 2.36 16.31 1.00
N ARG A 189 3.37 15.72 0.37
CA ARG A 189 3.47 14.26 0.33
C ARG A 189 3.62 13.68 1.72
N SER A 190 4.41 14.33 2.58
CA SER A 190 4.59 13.85 3.95
C SER A 190 3.30 13.95 4.76
N LEU A 191 2.58 15.06 4.62
CA LEU A 191 1.29 15.17 5.29
C LEU A 191 0.31 14.11 4.78
N GLN A 192 0.31 13.88 3.47
CA GLN A 192 -0.49 12.80 2.89
C GLN A 192 -0.07 11.45 3.44
N GLY A 193 1.23 11.27 3.73
CA GLY A 193 1.69 10.03 4.31
C GLY A 193 1.17 9.82 5.72
N ILE A 194 1.15 10.89 6.52
CA ILE A 194 0.54 10.78 7.85
C ILE A 194 -0.92 10.40 7.72
N GLY A 195 -1.63 11.03 6.79
CA GLY A 195 -3.03 10.69 6.56
C GLY A 195 -3.21 9.25 6.12
N SER A 196 -2.35 8.77 5.23
CA SER A 196 -2.43 7.39 4.79
C SER A 196 -2.19 6.43 5.94
N SER A 197 -1.22 6.75 6.81
CA SER A 197 -0.93 5.90 7.95
C SER A 197 -2.15 5.76 8.85
N CYS A 198 -2.73 6.90 9.26
CA CYS A 198 -3.87 6.80 10.17
C CYS A 198 -5.07 6.15 9.51
N SER A 199 -5.35 6.52 8.24
CA SER A 199 -6.48 5.94 7.54
C SER A 199 -6.35 4.42 7.43
N SER A 200 -5.20 3.95 6.93
CA SER A 200 -5.01 2.52 6.73
C SER A 200 -5.05 1.76 8.06
N VAL A 201 -4.26 2.22 9.04
CA VAL A 201 -4.16 1.47 10.29
C VAL A 201 -5.51 1.43 11.01
N ALA A 202 -6.15 2.59 11.17
CA ALA A 202 -7.42 2.62 11.88
C ALA A 202 -8.50 1.87 11.13
N GLY A 203 -8.56 2.01 9.80
CA GLY A 203 -9.58 1.32 9.04
C GLY A 203 -9.44 -0.19 9.11
N MET A 204 -8.21 -0.70 8.91
CA MET A 204 -7.99 -2.13 9.01
C MET A 204 -8.28 -2.63 10.42
N GLY A 205 -7.87 -1.87 11.43
CA GLY A 205 -8.12 -2.30 12.80
C GLY A 205 -9.60 -2.40 13.12
N MET A 206 -10.38 -1.38 12.77
CA MET A 206 -11.79 -1.43 13.11
C MET A 206 -12.53 -2.43 12.23
N LEU A 207 -12.09 -2.62 10.98
CA LEU A 207 -12.69 -3.64 10.14
C LEU A 207 -12.44 -5.04 10.69
N ALA A 208 -11.25 -5.28 11.23
CA ALA A 208 -10.97 -6.57 11.86
C ALA A 208 -11.73 -6.72 13.16
N SER A 209 -11.90 -5.63 13.91
CA SER A 209 -12.59 -5.73 15.20
C SER A 209 -14.08 -5.99 15.01
N VAL A 210 -14.70 -5.34 14.02
CA VAL A 210 -16.13 -5.56 13.80
C VAL A 210 -16.37 -6.94 13.20
N TYR A 211 -15.42 -7.46 12.44
CA TYR A 211 -15.54 -8.77 11.80
C TYR A 211 -14.68 -9.75 12.60
N THR A 212 -15.27 -10.29 13.68
CA THR A 212 -14.51 -11.12 14.60
C THR A 212 -14.15 -12.47 13.98
N ASP A 213 -15.12 -13.15 13.38
CA ASP A 213 -14.88 -14.47 12.85
C ASP A 213 -14.04 -14.41 11.58
N ASP A 214 -13.16 -15.41 11.41
CA ASP A 214 -12.20 -15.44 10.32
C ASP A 214 -12.80 -15.90 9.00
N GLU A 215 -14.05 -16.35 8.99
CA GLU A 215 -14.65 -16.85 7.76
C GLU A 215 -14.80 -15.74 6.73
N GLU A 216 -15.41 -14.62 7.12
CA GLU A 216 -15.54 -13.46 6.24
C GLU A 216 -14.59 -12.33 6.60
N ARG A 217 -13.74 -12.52 7.61
CA ARG A 217 -12.68 -11.55 7.88
C ARG A 217 -11.75 -11.44 6.69
N GLY A 218 -11.32 -12.59 6.14
CA GLY A 218 -10.52 -12.57 4.94
C GLY A 218 -11.23 -11.90 3.78
N ASN A 219 -12.54 -12.11 3.68
CA ASN A 219 -13.33 -11.46 2.65
C ASN A 219 -13.28 -9.95 2.78
N VAL A 220 -13.49 -9.43 3.99
CA VAL A 220 -13.59 -7.98 4.13
C VAL A 220 -12.21 -7.32 3.98
N MET A 221 -11.14 -7.96 4.47
CA MET A 221 -9.81 -7.42 4.18
C MET A 221 -9.49 -7.49 2.69
N GLY A 222 -9.96 -8.53 2.01
CA GLY A 222 -9.78 -8.59 0.56
C GLY A 222 -10.54 -7.47 -0.15
N ILE A 223 -11.74 -7.14 0.31
CA ILE A 223 -12.49 -6.04 -0.27
C ILE A 223 -11.76 -4.72 -0.04
N ALA A 224 -11.23 -4.51 1.17
CA ALA A 224 -10.49 -3.27 1.43
C ALA A 224 -9.25 -3.17 0.55
N LEU A 225 -8.50 -4.26 0.42
CA LEU A 225 -7.33 -4.23 -0.47
C LEU A 225 -7.74 -4.08 -1.93
N GLY A 226 -8.91 -4.59 -2.30
CA GLY A 226 -9.44 -4.33 -3.62
C GLY A 226 -9.77 -2.87 -3.84
N GLY A 227 -10.25 -2.20 -2.80
CA GLY A 227 -10.44 -0.76 -2.88
C GLY A 227 -9.12 -0.03 -3.08
N LEU A 228 -8.08 -0.47 -2.38
CA LEU A 228 -6.73 0.06 -2.60
C LEU A 228 -6.33 -0.12 -4.06
N ALA A 229 -6.52 -1.33 -4.60
CA ALA A 229 -6.12 -1.62 -5.96
C ALA A 229 -6.95 -0.82 -6.96
N MET A 230 -8.25 -0.67 -6.72
CA MET A 230 -9.09 0.11 -7.63
C MET A 230 -8.68 1.57 -7.62
N GLY A 231 -8.32 2.11 -6.45
CA GLY A 231 -7.83 3.47 -6.39
C GLY A 231 -6.55 3.67 -7.17
N VAL A 232 -5.59 2.76 -6.98
CA VAL A 232 -4.33 2.90 -7.71
C VAL A 232 -4.52 2.59 -9.18
N LEU A 233 -5.57 1.88 -9.55
CA LEU A 233 -5.89 1.65 -10.95
C LEU A 233 -6.48 2.88 -11.61
N VAL A 234 -7.40 3.55 -10.91
CA VAL A 234 -8.11 4.68 -11.50
C VAL A 234 -7.31 5.98 -11.39
N GLY A 235 -6.29 6.02 -10.54
CA GLY A 235 -5.46 7.20 -10.37
C GLY A 235 -4.82 7.76 -11.62
N PRO A 236 -3.93 6.99 -12.25
CA PRO A 236 -3.13 7.52 -13.38
C PRO A 236 -3.97 8.04 -14.52
N PRO A 237 -4.96 7.28 -15.06
CA PRO A 237 -5.65 7.82 -16.24
C PRO A 237 -6.55 9.00 -15.92
N PHE A 238 -7.19 8.99 -14.75
CA PHE A 238 -7.98 10.14 -14.31
C PHE A 238 -7.11 11.39 -14.21
N GLY A 239 -5.95 11.25 -13.56
CA GLY A 239 -5.04 12.38 -13.46
C GLY A 239 -4.56 12.86 -14.81
N SER A 240 -4.25 11.92 -15.71
CA SER A 240 -3.74 12.30 -17.03
C SER A 240 -4.79 13.03 -17.84
N VAL A 241 -6.04 12.55 -17.85
CA VAL A 241 -7.06 13.19 -18.67
C VAL A 241 -7.43 14.55 -18.08
N LEU A 242 -7.49 14.66 -16.75
CA LEU A 242 -7.79 15.97 -16.16
C LEU A 242 -6.64 16.95 -16.34
N TYR A 243 -5.40 16.45 -16.41
CA TYR A 243 -4.27 17.34 -16.64
C TYR A 243 -4.19 17.79 -18.09
N GLU A 244 -4.51 16.89 -19.03
CA GLU A 244 -4.38 17.20 -20.45
C GLU A 244 -5.65 17.76 -21.06
N PHE A 245 -6.74 17.89 -20.29
CA PHE A 245 -7.96 18.47 -20.84
C PHE A 245 -8.35 19.78 -20.19
N VAL A 246 -8.15 19.93 -18.88
CA VAL A 246 -8.55 21.13 -18.15
C VAL A 246 -7.33 21.92 -17.68
N GLY A 247 -6.52 21.32 -16.81
CA GLY A 247 -5.37 22.04 -16.26
C GLY A 247 -4.71 21.23 -15.17
N LYS A 248 -3.71 21.86 -14.55
CA LYS A 248 -2.93 21.16 -13.53
C LYS A 248 -3.73 20.98 -12.23
N THR A 249 -4.42 22.02 -11.78
CA THR A 249 -5.11 21.97 -10.49
C THR A 249 -6.47 21.29 -10.55
N ALA A 250 -7.02 21.09 -11.75
CA ALA A 250 -8.36 20.51 -11.87
C ALA A 250 -8.47 19.11 -11.28
N PRO A 251 -7.56 18.15 -11.55
CA PRO A 251 -7.71 16.84 -10.90
C PRO A 251 -7.65 16.92 -9.39
N PHE A 252 -6.81 17.81 -8.85
CA PHE A 252 -6.69 17.91 -7.41
C PHE A 252 -7.94 18.51 -6.79
N LEU A 253 -8.55 19.51 -7.44
CA LEU A 253 -9.80 20.06 -6.94
C LEU A 253 -10.93 19.04 -7.02
N VAL A 254 -11.01 18.28 -8.11
CA VAL A 254 -12.06 17.26 -8.21
C VAL A 254 -11.88 16.19 -7.15
N LEU A 255 -10.63 15.76 -6.95
CA LEU A 255 -10.35 14.78 -5.89
C LEU A 255 -10.67 15.36 -4.52
N ALA A 256 -10.43 16.65 -4.32
CA ALA A 256 -10.78 17.29 -3.06
C ALA A 256 -12.29 17.27 -2.83
N ALA A 257 -13.07 17.53 -3.88
CA ALA A 257 -14.52 17.44 -3.76
C ALA A 257 -14.95 16.02 -3.39
N LEU A 258 -14.31 15.02 -4.01
CA LEU A 258 -14.60 13.64 -3.66
C LEU A 258 -14.25 13.36 -2.20
N VAL A 259 -13.15 13.93 -1.72
CA VAL A 259 -12.77 13.76 -0.31
C VAL A 259 -13.80 14.39 0.61
N LEU A 260 -14.31 15.57 0.25
CA LEU A 260 -15.37 16.19 1.06
C LEU A 260 -16.62 15.32 1.12
N LEU A 261 -17.00 14.73 -0.01
CA LEU A 261 -18.15 13.82 0.02
C LEU A 261 -17.85 12.61 0.91
N ASP A 262 -16.62 12.10 0.84
CA ASP A 262 -16.21 11.02 1.72
C ASP A 262 -16.34 11.41 3.18
N GLY A 263 -15.89 12.61 3.54
CA GLY A 263 -15.95 13.04 4.93
C GLY A 263 -17.38 13.27 5.41
N ALA A 264 -18.25 13.73 4.51
CA ALA A 264 -19.67 13.78 4.85
C ALA A 264 -20.19 12.39 5.17
N ILE A 265 -19.79 11.39 4.37
CA ILE A 265 -20.18 10.01 4.66
C ILE A 265 -19.61 9.56 5.99
N GLN A 266 -18.35 9.91 6.28
CA GLN A 266 -17.74 9.53 7.55
C GLN A 266 -18.47 10.13 8.74
N LEU A 267 -18.84 11.41 8.65
CA LEU A 267 -19.58 12.03 9.74
C LEU A 267 -20.94 11.40 9.91
N PHE A 268 -21.60 11.05 8.81
CA PHE A 268 -22.90 10.40 8.92
C PHE A 268 -22.80 9.00 9.50
N VAL A 269 -21.68 8.30 9.25
CA VAL A 269 -21.59 6.88 9.62
C VAL A 269 -20.95 6.70 10.99
N LEU A 270 -19.70 7.12 11.14
CA LEU A 270 -18.94 6.77 12.35
C LEU A 270 -19.41 7.60 13.54
N GLN A 271 -19.64 8.89 13.35
CA GLN A 271 -20.02 9.85 14.38
C GLN A 271 -19.05 9.79 15.55
N PRO A 272 -17.83 10.31 15.39
CA PRO A 272 -16.88 10.34 16.51
C PRO A 272 -17.16 11.48 17.49
N SER A 273 -18.38 11.50 18.02
CA SER A 273 -18.79 12.59 18.90
C SER A 273 -18.00 12.58 20.21
N ARG A 274 -17.76 11.39 20.77
CA ARG A 274 -17.06 11.27 22.04
C ARG A 274 -15.95 10.24 21.92
N VAL A 275 -14.95 10.39 22.79
CA VAL A 275 -13.85 9.42 22.87
C VAL A 275 -14.38 8.12 23.42
N GLN A 276 -14.07 7.01 22.76
CA GLN A 276 -14.54 5.68 23.14
C GLN A 276 -13.34 4.82 23.48
N PRO A 277 -12.91 4.80 24.74
CA PRO A 277 -11.75 3.99 25.13
C PRO A 277 -12.05 2.51 25.01
N GLU A 278 -10.99 1.73 24.75
CA GLU A 278 -11.13 0.30 24.61
C GLU A 278 -11.41 -0.35 25.96
N SER A 279 -12.00 -1.54 25.92
CA SER A 279 -12.35 -2.26 27.14
C SER A 279 -11.11 -2.70 27.90
N GLN A 280 -10.08 -3.16 27.20
CA GLN A 280 -8.86 -3.67 27.81
C GLN A 280 -7.64 -3.07 27.13
N LYS A 281 -6.57 -2.95 27.90
CA LYS A 281 -5.31 -2.46 27.35
C LYS A 281 -4.72 -3.50 26.40
N GLY A 282 -4.19 -3.02 25.28
CA GLY A 282 -3.68 -3.92 24.26
C GLY A 282 -2.33 -4.51 24.61
N THR A 283 -1.96 -5.52 23.84
CA THR A 283 -0.65 -6.15 23.98
C THR A 283 0.43 -5.13 23.61
N PRO A 284 1.48 -4.97 24.42
CA PRO A 284 2.52 -4.00 24.11
C PRO A 284 3.22 -4.31 22.79
N LEU A 285 3.63 -3.24 22.10
CA LEU A 285 4.24 -3.39 20.79
C LEU A 285 5.57 -4.12 20.88
N THR A 286 6.36 -3.84 21.91
CA THR A 286 7.66 -4.50 22.05
C THR A 286 7.51 -6.00 22.28
N THR A 287 6.49 -6.39 23.05
CA THR A 287 6.25 -7.81 23.27
C THR A 287 5.75 -8.48 21.99
N LEU A 288 5.01 -7.75 21.16
CA LEU A 288 4.49 -8.32 19.93
C LEU A 288 5.59 -8.59 18.92
N LEU A 289 6.66 -7.80 18.93
CA LEU A 289 7.81 -8.06 18.07
C LEU A 289 8.63 -9.25 18.53
N LYS A 290 8.39 -9.76 19.74
CA LYS A 290 9.05 -10.98 20.19
C LYS A 290 8.20 -12.20 19.87
N ASP A 291 7.79 -12.32 18.61
CA ASP A 291 6.90 -13.38 18.15
C ASP A 291 7.40 -13.86 16.79
N PRO A 292 7.58 -15.16 16.61
CA PRO A 292 8.09 -15.67 15.33
C PRO A 292 7.12 -15.48 14.18
N TYR A 293 5.86 -15.88 14.38
CA TYR A 293 4.89 -15.89 13.29
C TYR A 293 4.57 -14.49 12.81
N ILE A 294 4.42 -13.54 13.73
CA ILE A 294 4.13 -12.16 13.36
C ILE A 294 5.28 -11.60 12.52
N LEU A 295 6.52 -11.87 12.93
CA LEU A 295 7.67 -11.42 12.15
C LEU A 295 7.75 -12.10 10.79
N ILE A 296 7.36 -13.38 10.70
CA ILE A 296 7.38 -14.06 9.41
C ILE A 296 6.38 -13.41 8.46
N ALA A 297 5.17 -13.14 8.95
CA ALA A 297 4.17 -12.47 8.11
C ALA A 297 4.61 -11.06 7.72
N ALA A 298 5.21 -10.33 8.66
CA ALA A 298 5.70 -8.99 8.38
C ALA A 298 6.80 -9.03 7.31
N GLY A 299 7.72 -9.98 7.43
CA GLY A 299 8.75 -10.13 6.42
C GLY A 299 8.19 -10.51 5.06
N SER A 300 7.14 -11.35 5.04
CA SER A 300 6.49 -11.69 3.78
C SER A 300 5.94 -10.45 3.09
N ILE A 301 5.17 -9.65 3.82
CA ILE A 301 4.60 -8.44 3.23
C ILE A 301 5.70 -7.46 2.83
N CYS A 302 6.74 -7.34 3.67
CA CYS A 302 7.84 -6.43 3.37
C CYS A 302 8.56 -6.82 2.10
N PHE A 303 8.82 -8.11 1.90
CA PHE A 303 9.53 -8.55 0.70
C PHE A 303 8.67 -8.40 -0.54
N ALA A 304 7.38 -8.67 -0.44
CA ALA A 304 6.50 -8.48 -1.60
C ALA A 304 6.45 -7.01 -2.01
N ASN A 305 6.18 -6.12 -1.06
CA ASN A 305 6.13 -4.71 -1.40
C ASN A 305 7.50 -4.15 -1.77
N MET A 306 8.60 -4.75 -1.31
CA MET A 306 9.91 -4.34 -1.79
C MET A 306 10.10 -4.78 -3.25
N GLY A 307 9.55 -5.94 -3.60
CA GLY A 307 9.56 -6.37 -4.99
C GLY A 307 8.86 -5.38 -5.91
N ILE A 308 7.73 -4.83 -5.45
CA ILE A 308 7.14 -3.70 -6.19
C ILE A 308 8.05 -2.47 -6.15
N ALA A 309 8.46 -2.08 -4.95
CA ALA A 309 9.04 -0.76 -4.74
C ALA A 309 10.40 -0.59 -5.40
N MET A 310 11.10 -1.68 -5.69
CA MET A 310 12.38 -1.52 -6.34
C MET A 310 12.25 -1.25 -7.84
N LEU A 311 11.04 -1.31 -8.37
CA LEU A 311 10.79 -1.17 -9.80
C LEU A 311 10.13 0.15 -10.19
N GLU A 312 9.12 0.59 -9.43
CA GLU A 312 8.34 1.76 -9.85
C GLU A 312 9.16 3.04 -9.96
N PRO A 313 10.00 3.43 -8.98
CA PRO A 313 10.85 4.61 -9.21
C PRO A 313 11.89 4.43 -10.30
N ALA A 314 12.18 3.19 -10.70
CA ALA A 314 13.18 2.92 -11.72
C ALA A 314 12.57 2.62 -13.08
N LEU A 315 11.26 2.78 -13.23
CA LEU A 315 10.61 2.51 -14.50
C LEU A 315 11.08 3.50 -15.55
N PRO A 316 11.08 3.11 -16.85
CA PRO A 316 11.53 4.04 -17.89
C PRO A 316 10.48 5.12 -18.19
N ILE A 317 10.17 5.91 -17.16
CA ILE A 317 9.14 6.93 -17.21
C ILE A 317 9.78 8.21 -16.66
N TRP A 318 9.09 9.33 -16.84
CA TRP A 318 9.47 10.66 -16.34
C TRP A 318 10.94 10.98 -16.63
N MET A 319 11.26 11.02 -17.92
CA MET A 319 12.55 11.47 -18.39
C MET A 319 12.44 12.94 -18.80
N MET A 320 13.50 13.46 -19.43
CA MET A 320 13.48 14.84 -19.89
C MET A 320 12.49 15.03 -21.04
N GLU A 321 12.54 14.15 -22.04
CA GLU A 321 11.65 14.23 -23.19
C GLU A 321 11.60 12.87 -23.85
N THR A 322 10.69 12.73 -24.82
CA THR A 322 10.53 11.49 -25.56
C THR A 322 10.36 11.79 -27.04
N MET A 323 10.72 10.82 -27.87
CA MET A 323 10.55 10.97 -29.32
C MET A 323 9.07 11.05 -29.69
N CYS A 324 8.23 10.22 -29.05
CA CYS A 324 6.79 10.24 -29.29
C CYS A 324 6.05 11.08 -28.26
N SER A 325 6.76 11.97 -27.56
CA SER A 325 6.26 12.90 -26.55
C SER A 325 5.75 12.20 -25.30
N ARG A 326 5.80 10.87 -25.23
CA ARG A 326 5.37 10.07 -24.07
C ARG A 326 3.90 10.41 -23.78
N LYS A 327 3.55 10.78 -22.54
CA LYS A 327 2.22 11.21 -22.11
C LYS A 327 1.17 10.11 -22.15
N TRP A 328 1.51 8.92 -22.64
CA TRP A 328 0.63 7.77 -22.56
C TRP A 328 1.10 6.76 -21.53
N GLN A 329 2.42 6.50 -21.49
CA GLN A 329 2.97 5.59 -20.50
C GLN A 329 2.71 6.08 -19.09
N LEU A 330 2.66 7.39 -18.88
CA LEU A 330 2.40 7.96 -17.56
C LEU A 330 1.07 7.46 -17.00
N GLY A 331 0.05 7.34 -17.84
CA GLY A 331 -1.23 6.88 -17.39
C GLY A 331 -1.45 5.39 -17.57
N VAL A 332 -0.63 4.75 -18.38
CA VAL A 332 -0.85 3.33 -18.66
C VAL A 332 -0.01 2.40 -17.77
N ALA A 333 1.19 2.83 -17.35
CA ALA A 333 2.16 1.91 -16.80
C ALA A 333 1.72 1.21 -15.53
N PHE A 334 0.73 1.74 -14.81
CA PHE A 334 0.25 1.11 -13.59
C PHE A 334 -1.06 0.36 -13.80
N LEU A 335 -1.50 0.23 -15.05
CA LEU A 335 -2.65 -0.63 -15.36
C LEU A 335 -2.42 -2.09 -14.99
N PRO A 336 -1.31 -2.77 -15.39
CA PRO A 336 -1.22 -4.21 -15.17
C PRO A 336 -1.17 -4.61 -13.71
N ALA A 337 -0.28 -3.96 -12.94
CA ALA A 337 -0.12 -4.32 -11.54
C ALA A 337 -1.40 -4.07 -10.76
N SER A 338 -2.04 -2.92 -10.98
CA SER A 338 -3.26 -2.61 -10.26
C SER A 338 -4.40 -3.55 -10.65
N ILE A 339 -4.54 -3.83 -11.95
CA ILE A 339 -5.61 -4.73 -12.40
C ILE A 339 -5.41 -6.11 -11.81
N SER A 340 -4.18 -6.62 -11.83
CA SER A 340 -3.91 -7.95 -11.28
C SER A 340 -4.11 -7.99 -9.77
N TYR A 341 -3.70 -6.93 -9.07
CA TYR A 341 -3.92 -6.87 -7.63
C TYR A 341 -5.40 -6.92 -7.31
N LEU A 342 -6.20 -6.09 -8.00
CA LEU A 342 -7.64 -6.06 -7.78
C LEU A 342 -8.26 -7.43 -8.05
N ILE A 343 -7.98 -8.00 -9.23
CA ILE A 343 -8.56 -9.27 -9.61
C ILE A 343 -8.18 -10.35 -8.61
N GLY A 344 -6.89 -10.47 -8.32
CA GLY A 344 -6.43 -11.54 -7.45
C GLY A 344 -6.98 -11.45 -6.05
N THR A 345 -6.89 -10.27 -5.44
CA THR A 345 -7.40 -10.12 -4.08
C THR A 345 -8.88 -10.41 -4.01
N ASN A 346 -9.67 -9.77 -4.88
CA ASN A 346 -11.12 -9.89 -4.80
C ASN A 346 -11.58 -11.32 -5.10
N ILE A 347 -10.95 -11.98 -6.08
CA ILE A 347 -11.43 -13.31 -6.43
C ILE A 347 -10.83 -14.40 -5.55
N PHE A 348 -9.77 -14.11 -4.80
CA PHE A 348 -9.03 -15.19 -4.18
C PHE A 348 -8.99 -15.10 -2.66
N GLY A 349 -9.51 -14.04 -2.05
CA GLY A 349 -9.53 -13.99 -0.59
C GLY A 349 -10.29 -15.16 0.02
N ILE A 350 -11.49 -15.42 -0.49
CA ILE A 350 -12.32 -16.49 0.08
C ILE A 350 -11.70 -17.86 -0.22
N LEU A 351 -11.16 -18.06 -1.42
CA LEU A 351 -10.57 -19.34 -1.74
C LEU A 351 -9.25 -19.55 -1.01
N ALA A 352 -8.59 -18.46 -0.62
CA ALA A 352 -7.39 -18.57 0.20
C ALA A 352 -7.73 -18.93 1.64
N HIS A 353 -8.85 -18.43 2.14
CA HIS A 353 -9.35 -18.93 3.42
C HIS A 353 -9.69 -20.41 3.32
N LYS A 354 -10.27 -20.83 2.21
CA LYS A 354 -10.70 -22.23 2.06
C LYS A 354 -9.48 -23.16 1.99
N MET A 355 -8.61 -22.92 1.00
CA MET A 355 -7.58 -23.90 0.64
C MET A 355 -6.43 -23.98 1.65
N GLY A 356 -6.30 -23.00 2.53
CA GLY A 356 -5.12 -22.94 3.38
C GLY A 356 -4.32 -21.69 3.10
N ARG A 357 -4.27 -20.78 4.07
CA ARG A 357 -3.79 -19.43 3.78
C ARG A 357 -2.27 -19.37 3.78
N TRP A 358 -1.62 -20.26 4.53
CA TRP A 358 -0.17 -20.41 4.41
C TRP A 358 0.21 -20.86 3.00
N LEU A 359 -0.62 -21.71 2.39
CA LEU A 359 -0.38 -22.11 1.01
C LEU A 359 -0.51 -20.92 0.06
N CYS A 360 -1.48 -20.05 0.32
CA CYS A 360 -1.56 -18.79 -0.43
C CYS A 360 -0.30 -17.97 -0.28
N ALA A 361 0.21 -17.84 0.94
CA ALA A 361 1.43 -17.07 1.15
C ALA A 361 2.60 -17.66 0.38
N LEU A 362 2.76 -18.99 0.45
CA LEU A 362 3.88 -19.65 -0.21
C LEU A 362 3.78 -19.51 -1.73
N LEU A 363 2.58 -19.74 -2.29
CA LEU A 363 2.42 -19.61 -3.74
C LEU A 363 2.63 -18.18 -4.21
N GLY A 364 2.13 -17.21 -3.43
CA GLY A 364 2.37 -15.82 -3.78
C GLY A 364 3.85 -15.46 -3.74
N MET A 365 4.57 -15.97 -2.74
CA MET A 365 6.01 -15.69 -2.68
C MET A 365 6.75 -16.32 -3.85
N ILE A 366 6.38 -17.56 -4.22
CA ILE A 366 7.03 -18.22 -5.34
C ILE A 366 6.78 -17.45 -6.64
N ILE A 367 5.53 -17.03 -6.86
CA ILE A 367 5.21 -16.34 -8.10
C ILE A 367 5.85 -14.95 -8.12
N VAL A 368 5.94 -14.30 -6.96
CA VAL A 368 6.65 -13.02 -6.87
C VAL A 368 8.11 -13.21 -7.25
N GLY A 369 8.75 -14.25 -6.72
CA GLY A 369 10.13 -14.51 -7.05
C GLY A 369 10.32 -14.76 -8.53
N VAL A 370 9.43 -15.56 -9.12
CA VAL A 370 9.52 -15.86 -10.54
C VAL A 370 9.36 -14.59 -11.37
N SER A 371 8.38 -13.74 -11.01
CA SER A 371 8.12 -12.54 -11.78
C SER A 371 9.27 -11.55 -11.67
N ILE A 372 9.78 -11.33 -10.46
CA ILE A 372 10.89 -10.41 -10.27
C ILE A 372 12.14 -10.92 -10.97
N LEU A 373 12.34 -12.24 -10.96
CA LEU A 373 13.50 -12.81 -11.63
C LEU A 373 13.38 -12.75 -13.15
N CYS A 374 12.14 -12.74 -13.67
CA CYS A 374 11.96 -12.69 -15.11
C CYS A 374 11.79 -11.28 -15.66
N ILE A 375 11.65 -10.27 -14.80
CA ILE A 375 11.70 -8.88 -15.26
C ILE A 375 12.99 -8.55 -16.03
N PRO A 376 14.19 -8.89 -15.55
CA PRO A 376 15.40 -8.50 -16.30
C PRO A 376 15.53 -9.13 -17.66
N PHE A 377 14.81 -10.22 -17.93
CA PHE A 377 14.82 -10.81 -19.28
C PHE A 377 13.75 -10.17 -20.16
N ALA A 378 13.75 -8.85 -20.21
CA ALA A 378 12.87 -8.09 -21.09
C ALA A 378 13.72 -7.11 -21.87
N LYS A 379 13.56 -7.11 -23.19
CA LYS A 379 14.40 -6.27 -24.04
C LYS A 379 14.10 -4.78 -23.82
N ASN A 380 12.82 -4.42 -23.77
CA ASN A 380 12.40 -3.04 -23.59
C ASN A 380 11.13 -3.03 -22.75
N ILE A 381 10.46 -1.87 -22.71
CA ILE A 381 9.17 -1.76 -22.04
C ILE A 381 8.10 -2.57 -22.74
N TYR A 382 8.37 -3.01 -23.97
CA TYR A 382 7.44 -3.87 -24.69
C TYR A 382 7.15 -5.15 -23.92
N GLY A 383 8.20 -5.76 -23.35
CA GLY A 383 8.05 -6.98 -22.58
C GLY A 383 7.96 -6.81 -21.08
N LEU A 384 7.99 -5.58 -20.58
CA LEU A 384 7.88 -5.36 -19.14
C LEU A 384 6.45 -5.47 -18.64
N ILE A 385 5.47 -5.41 -19.55
CA ILE A 385 4.07 -5.49 -19.15
C ILE A 385 3.72 -6.87 -18.62
N ALA A 386 4.31 -7.93 -19.18
CA ALA A 386 3.90 -9.28 -18.81
C ALA A 386 4.20 -9.65 -17.35
N PRO A 387 5.41 -9.46 -16.82
CA PRO A 387 5.66 -9.88 -15.42
C PRO A 387 4.90 -9.08 -14.39
N ASN A 388 4.41 -7.89 -14.73
CA ASN A 388 3.63 -7.10 -13.78
C ASN A 388 2.32 -7.79 -13.43
N PHE A 389 1.67 -8.41 -14.43
CA PHE A 389 0.44 -9.14 -14.16
C PHE A 389 0.66 -10.29 -13.19
N GLY A 390 1.87 -10.85 -13.14
CA GLY A 390 2.16 -11.89 -12.19
C GLY A 390 2.53 -11.36 -10.83
N VAL A 391 3.37 -10.31 -10.80
CA VAL A 391 3.86 -9.80 -9.53
C VAL A 391 2.74 -9.13 -8.75
N GLY A 392 1.88 -8.37 -9.43
CA GLY A 392 0.75 -7.76 -8.75
C GLY A 392 -0.25 -8.78 -8.25
N PHE A 393 -0.50 -9.82 -9.06
CA PHE A 393 -1.41 -10.88 -8.66
C PHE A 393 -0.89 -11.59 -7.41
N ALA A 394 0.39 -11.95 -7.40
CA ALA A 394 0.93 -12.64 -6.24
C ALA A 394 1.10 -11.73 -5.03
N ILE A 395 1.24 -10.42 -5.22
CA ILE A 395 1.33 -9.56 -4.06
C ILE A 395 -0.05 -9.29 -3.48
N GLY A 396 -1.08 -9.28 -4.32
CA GLY A 396 -2.44 -9.39 -3.80
C GLY A 396 -2.64 -10.67 -3.03
N MET A 397 -2.08 -11.78 -3.53
CA MET A 397 -2.11 -13.05 -2.81
C MET A 397 -1.52 -12.88 -1.42
N VAL A 398 -0.31 -12.32 -1.35
CA VAL A 398 0.41 -12.19 -0.09
C VAL A 398 -0.34 -11.29 0.88
N ASP A 399 -0.85 -10.15 0.38
CA ASP A 399 -1.54 -9.21 1.27
C ASP A 399 -2.82 -9.82 1.82
N SER A 400 -3.66 -10.39 0.94
CA SER A 400 -4.90 -11.01 1.39
C SER A 400 -4.65 -12.27 2.21
N SER A 401 -3.46 -12.85 2.12
CA SER A 401 -3.13 -14.04 2.88
C SER A 401 -2.42 -13.73 4.19
N MET A 402 -1.93 -12.51 4.38
CA MET A 402 -1.23 -12.19 5.62
C MET A 402 -1.92 -11.17 6.50
N MET A 403 -2.67 -10.21 5.95
CA MET A 403 -3.38 -9.27 6.81
C MET A 403 -4.41 -9.96 7.72
N PRO A 404 -5.29 -10.84 7.22
CA PRO A 404 -6.13 -11.59 8.16
C PRO A 404 -5.35 -12.47 9.10
N ILE A 405 -4.17 -12.97 8.71
CA ILE A 405 -3.33 -13.69 9.66
C ILE A 405 -2.78 -12.75 10.72
N MET A 406 -2.44 -11.52 10.34
CA MET A 406 -2.07 -10.52 11.35
C MET A 406 -3.18 -10.32 12.36
N GLY A 407 -4.43 -10.29 11.91
CA GLY A 407 -5.53 -10.24 12.86
C GLY A 407 -5.67 -11.51 13.69
N TYR A 408 -5.57 -12.66 13.02
CA TYR A 408 -5.93 -13.93 13.65
C TYR A 408 -4.89 -14.40 14.66
N LEU A 409 -3.62 -14.12 14.42
CA LEU A 409 -2.58 -14.52 15.36
C LEU A 409 -2.77 -13.82 16.70
N VAL A 410 -3.08 -12.53 16.67
CA VAL A 410 -3.35 -11.80 17.91
C VAL A 410 -4.69 -12.21 18.49
N ASP A 411 -5.67 -12.55 17.64
CA ASP A 411 -6.95 -13.05 18.15
C ASP A 411 -6.74 -14.34 18.94
N LEU A 412 -5.85 -15.20 18.46
CA LEU A 412 -5.64 -16.50 19.09
C LEU A 412 -4.71 -16.42 20.29
N ARG A 413 -3.50 -15.88 20.09
CA ARG A 413 -2.43 -15.97 21.08
C ARG A 413 -2.26 -14.69 21.89
N HIS A 414 -3.15 -13.71 21.73
CA HIS A 414 -3.06 -12.47 22.48
C HIS A 414 -4.48 -12.00 22.79
N VAL A 415 -4.60 -10.75 23.25
CA VAL A 415 -5.91 -10.17 23.51
C VAL A 415 -6.47 -9.58 22.23
N SER A 416 -7.79 -9.33 22.22
CA SER A 416 -8.49 -8.86 21.03
C SER A 416 -8.31 -7.35 20.86
N VAL A 417 -7.08 -6.95 20.62
CA VAL A 417 -6.73 -5.57 20.27
C VAL A 417 -5.89 -5.62 19.00
N TYR A 418 -6.31 -4.87 17.98
CA TYR A 418 -5.77 -5.03 16.65
C TYR A 418 -4.93 -3.85 16.18
N GLY A 419 -4.94 -2.73 16.91
CA GLY A 419 -4.27 -1.53 16.42
C GLY A 419 -2.77 -1.73 16.28
N SER A 420 -2.14 -2.29 17.31
CA SER A 420 -0.69 -2.46 17.29
C SER A 420 -0.25 -3.47 16.24
N VAL A 421 -0.97 -4.59 16.12
CA VAL A 421 -0.57 -5.60 15.16
C VAL A 421 -0.78 -5.12 13.74
N TYR A 422 -1.86 -4.37 13.49
CA TYR A 422 -2.02 -3.84 12.14
C TYR A 422 -1.08 -2.69 11.86
N ALA A 423 -0.63 -1.98 12.89
CA ALA A 423 0.48 -1.04 12.72
C ALA A 423 1.74 -1.78 12.31
N ILE A 424 1.99 -2.95 12.90
CA ILE A 424 3.14 -3.77 12.49
C ILE A 424 2.96 -4.23 11.05
N ALA A 425 1.76 -4.66 10.69
CA ALA A 425 1.50 -5.11 9.33
C ALA A 425 1.75 -4.00 8.33
N ASP A 426 1.28 -2.79 8.63
CA ASP A 426 1.44 -1.68 7.69
C ASP A 426 2.86 -1.13 7.68
N VAL A 427 3.56 -1.17 8.82
CA VAL A 427 4.94 -0.70 8.84
C VAL A 427 5.82 -1.64 8.02
N ALA A 428 5.52 -2.95 8.06
CA ALA A 428 6.19 -3.86 7.14
C ALA A 428 5.74 -3.64 5.70
N PHE A 429 4.46 -3.32 5.52
CA PHE A 429 3.91 -3.06 4.18
C PHE A 429 4.63 -1.91 3.50
N CYS A 430 5.04 -0.91 4.26
CA CYS A 430 5.61 0.30 3.67
C CYS A 430 7.13 0.40 3.83
N MET A 431 7.75 -0.45 4.64
CA MET A 431 9.21 -0.43 4.74
C MET A 431 9.87 -0.66 3.39
N GLY A 432 9.25 -1.49 2.54
CA GLY A 432 9.80 -1.69 1.21
C GLY A 432 9.86 -0.42 0.40
N TYR A 433 8.78 0.35 0.39
CA TYR A 433 8.77 1.62 -0.33
C TYR A 433 9.69 2.63 0.31
N ALA A 434 9.82 2.57 1.64
CA ALA A 434 10.67 3.53 2.34
C ALA A 434 12.15 3.30 2.03
N ILE A 435 12.57 2.04 1.96
CA ILE A 435 13.97 1.72 1.69
C ILE A 435 14.24 1.43 0.22
N GLY A 436 13.23 1.53 -0.64
CA GLY A 436 13.40 1.30 -2.05
C GLY A 436 14.43 2.17 -2.74
N PRO A 437 14.22 3.49 -2.75
CA PRO A 437 15.15 4.36 -3.49
C PRO A 437 16.60 4.28 -3.03
N SER A 438 16.85 4.35 -1.71
CA SER A 438 18.22 4.40 -1.23
C SER A 438 18.96 3.09 -1.50
N ALA A 439 18.34 1.96 -1.14
CA ALA A 439 18.96 0.66 -1.36
C ALA A 439 19.13 0.39 -2.85
N GLY A 440 18.12 0.73 -3.66
CA GLY A 440 18.23 0.55 -5.09
C GLY A 440 19.35 1.37 -5.69
N GLY A 441 19.50 2.62 -5.26
CA GLY A 441 20.59 3.44 -5.76
C GLY A 441 21.95 2.93 -5.34
N ALA A 442 22.09 2.47 -4.09
CA ALA A 442 23.35 1.93 -3.63
C ALA A 442 23.72 0.68 -4.42
N ILE A 443 22.77 -0.24 -4.60
CA ILE A 443 23.06 -1.46 -5.32
C ILE A 443 23.22 -1.17 -6.81
N ALA A 444 22.67 -0.06 -7.30
CA ALA A 444 22.92 0.34 -8.67
C ALA A 444 24.34 0.87 -8.85
N LYS A 445 24.82 1.67 -7.90
CA LYS A 445 26.19 2.13 -7.95
C LYS A 445 27.17 0.96 -7.80
N ALA A 446 26.77 -0.08 -7.08
CA ALA A 446 27.63 -1.25 -6.92
C ALA A 446 27.61 -2.13 -8.18
N ILE A 447 26.44 -2.66 -8.52
CA ILE A 447 26.28 -3.62 -9.62
C ILE A 447 25.10 -3.19 -10.50
N GLY A 448 24.78 -4.01 -11.50
CA GLY A 448 23.70 -3.70 -12.39
C GLY A 448 22.33 -4.10 -11.85
N PHE A 449 21.29 -3.54 -12.46
CA PHE A 449 19.93 -3.87 -12.07
C PHE A 449 19.52 -5.34 -12.28
N PRO A 450 19.85 -6.01 -13.41
CA PRO A 450 19.42 -7.41 -13.54
C PRO A 450 19.90 -8.30 -12.43
N TRP A 451 21.12 -8.09 -11.94
CA TRP A 451 21.60 -8.84 -10.78
C TRP A 451 20.76 -8.50 -9.55
N LEU A 452 20.32 -7.26 -9.41
CA LEU A 452 19.46 -6.89 -8.29
C LEU A 452 18.13 -7.63 -8.37
N MET A 453 17.52 -7.69 -9.55
CA MET A 453 16.26 -8.40 -9.70
C MET A 453 16.44 -9.88 -9.39
N THR A 454 17.53 -10.48 -9.88
CA THR A 454 17.77 -11.89 -9.62
C THR A 454 17.98 -12.16 -8.13
N ILE A 455 18.73 -11.28 -7.44
CA ILE A 455 18.97 -11.52 -6.02
C ILE A 455 17.70 -11.29 -5.20
N ILE A 456 16.86 -10.32 -5.61
CA ILE A 456 15.59 -10.12 -4.92
C ILE A 456 14.69 -11.34 -5.10
N GLY A 457 14.63 -11.88 -6.32
CA GLY A 457 13.88 -13.10 -6.55
C GLY A 457 14.43 -14.28 -5.76
N ILE A 458 15.76 -14.37 -5.64
CA ILE A 458 16.38 -15.43 -4.86
C ILE A 458 15.98 -15.32 -3.39
N ILE A 459 16.01 -14.10 -2.85
CA ILE A 459 15.60 -13.91 -1.46
C ILE A 459 14.14 -14.27 -1.26
N ASP A 460 13.28 -13.89 -2.22
CA ASP A 460 11.86 -14.24 -2.12
C ASP A 460 11.67 -15.74 -2.16
N ILE A 461 12.38 -16.43 -3.05
CA ILE A 461 12.25 -17.89 -3.17
C ILE A 461 12.73 -18.56 -1.89
N LEU A 462 13.86 -18.12 -1.35
CA LEU A 462 14.40 -18.75 -0.14
C LEU A 462 13.54 -18.44 1.08
N PHE A 463 12.88 -17.29 1.11
CA PHE A 463 12.02 -16.95 2.24
C PHE A 463 10.65 -17.63 2.12
N ALA A 464 10.25 -18.04 0.92
CA ALA A 464 8.96 -18.68 0.72
C ALA A 464 8.71 -19.90 1.62
N PRO A 465 9.64 -20.85 1.80
CA PRO A 465 9.34 -22.00 2.67
C PRO A 465 9.13 -21.63 4.12
N LEU A 466 9.57 -20.46 4.57
CA LEU A 466 9.34 -20.06 5.95
C LEU A 466 7.87 -19.84 6.26
N CYS A 467 7.03 -19.67 5.24
CA CYS A 467 5.59 -19.55 5.45
C CYS A 467 4.95 -20.87 5.87
N PHE A 468 5.69 -21.98 5.81
CA PHE A 468 5.16 -23.26 6.26
C PHE A 468 4.89 -23.25 7.77
N PHE A 469 5.63 -22.44 8.52
CA PHE A 469 5.51 -22.41 9.97
C PHE A 469 4.15 -21.91 10.45
N LEU A 470 3.36 -21.30 9.58
CA LEU A 470 2.08 -20.74 9.96
C LEU A 470 0.92 -21.71 9.79
N ARG A 471 1.18 -22.95 9.38
CA ARG A 471 0.11 -23.91 9.17
C ARG A 471 -0.60 -24.26 10.46
N SER A 472 0.16 -24.49 11.54
CA SER A 472 -0.39 -24.89 12.84
C SER A 472 0.23 -24.05 13.93
N PRO A 473 -0.20 -22.80 14.09
CA PRO A 473 0.29 -21.97 15.19
C PRO A 473 -0.42 -22.31 16.48
N PRO A 474 0.31 -22.43 17.60
CA PRO A 474 -0.30 -22.70 18.90
C PRO A 474 -1.14 -21.54 19.43
#